data_7HHN
#
_entry.id   7HHN
#
_cell.length_a   41.680
_cell.length_b   42.230
_cell.length_c   159.540
_cell.angle_alpha   90.00
_cell.angle_beta   90.00
_cell.angle_gamma   90.00
#
_symmetry.space_group_name_H-M   'P 21 21 21'
#
loop_
_entity.id
_entity.type
_entity.pdbx_description
1 polymer 'Hepatoma-derived growth factor-related protein 2'
2 non-polymer 'SULFATE ION'
3 non-polymer 1,2-ETHANEDIOL
4 non-polymer '(3S)-1-(methanesulfonyl)piperidine-3-carboxylic acid'
5 water water
#
_entity_poly.entity_id   1
_entity_poly.type   'polypeptide(L)'
_entity_poly.pdbx_seq_one_letter_code
;GMPHAFKPGDLVFAKMKGYPHWPARIDDIADGAVKPPPNKYPIFFFGTHETAFLGPKDLFPYDKSKDKYGKPNKRKGFNE
GLWEIQNNPHASYS
;
_entity_poly.pdbx_strand_id   A,B,C
#
loop_
_chem_comp.id
_chem_comp.type
_chem_comp.name
_chem_comp.formula
A1A30 non-polymer '(3S)-1-(methanesulfonyl)piperidine-3-carboxylic acid' 'C7 H13 N O4 S'
EDO non-polymer 1,2-ETHANEDIOL 'C2 H6 O2'
SO4 non-polymer 'SULFATE ION' 'O4 S -2'
#
# COMPACT_ATOMS: atom_id res chain seq x y z
N MET A 2 -9.41 -23.44 11.55
CA MET A 2 -10.40 -22.62 12.28
C MET A 2 -9.90 -21.17 12.38
N PRO A 3 -10.79 -20.16 12.17
CA PRO A 3 -10.40 -18.75 12.11
C PRO A 3 -9.77 -18.10 13.35
N HIS A 4 -8.83 -17.19 13.12
CA HIS A 4 -8.31 -16.37 14.20
C HIS A 4 -9.01 -15.01 14.09
N ALA A 5 -8.70 -14.09 15.00
CA ALA A 5 -8.98 -12.67 14.79
C ALA A 5 -8.25 -12.16 13.54
N PHE A 6 -8.74 -11.04 13.00
CA PHE A 6 -8.04 -10.31 11.95
C PHE A 6 -6.64 -9.89 12.45
N LYS A 7 -5.67 -9.87 11.53
CA LYS A 7 -4.33 -9.41 11.84
C LYS A 7 -3.79 -8.66 10.63
N PRO A 8 -2.83 -7.75 10.83
CA PRO A 8 -2.18 -7.03 9.72
C PRO A 8 -1.72 -8.05 8.68
N GLY A 9 -1.99 -7.73 7.41
CA GLY A 9 -1.61 -8.56 6.29
C GLY A 9 -2.75 -9.41 5.76
N ASP A 10 -3.82 -9.54 6.57
CA ASP A 10 -4.95 -10.31 6.07
C ASP A 10 -5.60 -9.60 4.88
N LEU A 11 -6.02 -10.38 3.87
CA LEU A 11 -6.67 -9.85 2.68
C LEU A 11 -8.18 -10.06 2.81
N VAL A 12 -8.94 -9.04 2.40
CA VAL A 12 -10.39 -9.06 2.56
C VAL A 12 -11.09 -8.37 1.39
N PHE A 13 -12.41 -8.53 1.32
CA PHE A 13 -13.25 -7.53 0.71
C PHE A 13 -13.86 -6.70 1.84
N ALA A 14 -13.81 -5.36 1.70
CA ALA A 14 -14.31 -4.53 2.78
C ALA A 14 -15.54 -3.76 2.30
N LYS A 15 -16.55 -3.67 3.17
CA LYS A 15 -17.83 -3.11 2.77
C LYS A 15 -18.03 -1.77 3.48
N MET A 16 -18.32 -0.74 2.67
CA MET A 16 -18.77 0.54 3.15
C MET A 16 -20.08 0.90 2.45
N LYS A 17 -20.96 1.61 3.16
CA LYS A 17 -22.18 2.17 2.60
C LYS A 17 -21.92 2.88 1.28
N GLY A 18 -22.73 2.52 0.27
CA GLY A 18 -22.74 3.24 -0.98
C GLY A 18 -21.69 2.68 -1.93
N TYR A 19 -20.91 1.69 -1.46
CA TYR A 19 -19.84 1.15 -2.27
C TYR A 19 -19.99 -0.36 -2.36
N PRO A 20 -19.57 -0.98 -3.48
CA PRO A 20 -19.55 -2.45 -3.58
C PRO A 20 -18.46 -2.95 -2.63
N HIS A 21 -18.56 -4.21 -2.18
CA HIS A 21 -17.49 -4.89 -1.44
C HIS A 21 -16.16 -4.74 -2.19
N TRP A 22 -15.14 -4.22 -1.50
CA TRP A 22 -13.96 -3.66 -2.16
C TRP A 22 -12.66 -4.36 -1.76
N PRO A 23 -11.76 -4.69 -2.72
CA PRO A 23 -10.53 -5.42 -2.36
C PRO A 23 -9.71 -4.54 -1.41
N ALA A 24 -9.25 -5.15 -0.31
CA ALA A 24 -8.56 -4.41 0.75
C ALA A 24 -7.68 -5.33 1.59
N ARG A 25 -6.87 -4.72 2.46
CA ARG A 25 -6.09 -5.49 3.41
C ARG A 25 -6.19 -4.80 4.75
N ILE A 26 -5.93 -5.58 5.81
CA ILE A 26 -5.73 -5.06 7.15
C ILE A 26 -4.32 -4.49 7.20
N ASP A 27 -4.20 -3.20 7.52
CA ASP A 27 -2.89 -2.56 7.57
C ASP A 27 -2.25 -2.70 8.95
N ASP A 28 -0.92 -2.49 8.99
CA ASP A 28 -0.20 -2.26 10.21
C ASP A 28 -0.50 -0.83 10.68
N ILE A 29 -0.17 -0.52 11.93
CA ILE A 29 -0.09 0.89 12.28
C ILE A 29 1.38 1.19 12.53
N ALA A 30 1.93 2.17 11.80
CA ALA A 30 3.31 2.63 11.92
C ALA A 30 3.52 3.32 13.27
N ASP A 31 4.73 3.18 13.82
CA ASP A 31 5.15 3.97 14.97
C ASP A 31 4.78 5.43 14.71
N GLY A 32 4.14 6.03 15.71
CA GLY A 32 3.78 7.44 15.75
C GLY A 32 2.57 7.82 14.88
N ALA A 33 1.93 6.82 14.24
CA ALA A 33 0.78 7.09 13.39
C ALA A 33 -0.51 7.03 14.22
N VAL A 34 -1.57 7.68 13.72
CA VAL A 34 -2.89 7.67 14.33
C VAL A 34 -3.45 6.25 14.40
N LYS A 35 -3.94 5.86 15.59
CA LYS A 35 -4.43 4.53 15.86
C LYS A 35 -5.93 4.50 15.58
N PRO A 36 -6.54 3.32 15.30
CA PRO A 36 -7.99 3.23 15.04
C PRO A 36 -8.76 3.30 16.35
N PRO A 37 -10.06 3.68 16.30
CA PRO A 37 -10.92 3.59 17.49
C PRO A 37 -10.88 2.16 18.02
N PRO A 38 -11.29 1.92 19.30
CA PRO A 38 -11.46 0.56 19.80
C PRO A 38 -12.31 -0.31 18.88
N ASN A 39 -11.89 -1.58 18.74
CA ASN A 39 -12.57 -2.63 18.00
C ASN A 39 -12.65 -2.34 16.50
N LYS A 40 -11.92 -1.32 16.01
CA LYS A 40 -11.84 -1.10 14.57
C LYS A 40 -10.43 -1.43 14.07
N TYR A 41 -10.31 -1.70 12.76
CA TYR A 41 -9.05 -2.04 12.12
C TYR A 41 -8.73 -0.99 11.05
N PRO A 42 -7.43 -0.68 10.79
CA PRO A 42 -7.10 0.20 9.67
C PRO A 42 -7.17 -0.60 8.38
N ILE A 43 -8.05 -0.19 7.47
CA ILE A 43 -8.30 -0.92 6.24
C ILE A 43 -7.70 -0.12 5.08
N PHE A 44 -6.79 -0.74 4.32
CA PHE A 44 -6.24 -0.10 3.13
C PHE A 44 -6.93 -0.68 1.90
N PHE A 45 -7.57 0.22 1.12
CA PHE A 45 -8.39 -0.15 -0.01
C PHE A 45 -7.45 -0.12 -1.21
N PHE A 46 -7.35 -1.27 -1.89
CA PHE A 46 -6.56 -1.37 -3.10
C PHE A 46 -7.19 -0.48 -4.19
N GLY A 47 -6.34 -0.03 -5.11
CA GLY A 47 -6.81 0.78 -6.22
C GLY A 47 -6.92 2.27 -5.84
N THR A 48 -7.81 2.60 -4.89
CA THR A 48 -7.97 3.98 -4.43
C THR A 48 -6.82 4.36 -3.50
N HIS A 49 -6.25 3.36 -2.82
CA HIS A 49 -5.18 3.54 -1.87
C HIS A 49 -5.65 4.39 -0.69
N GLU A 50 -6.96 4.41 -0.41
CA GLU A 50 -7.47 5.12 0.76
C GLU A 50 -7.48 4.18 1.99
N THR A 51 -7.52 4.79 3.19
CA THR A 51 -7.66 4.07 4.45
C THR A 51 -8.96 4.50 5.14
N ALA A 52 -9.67 3.53 5.70
CA ALA A 52 -10.80 3.77 6.59
C ALA A 52 -10.73 2.78 7.74
N PHE A 53 -11.47 3.06 8.81
CA PHE A 53 -11.51 2.25 10.01
C PHE A 53 -12.81 1.47 10.01
N LEU A 54 -12.69 0.14 10.10
CA LEU A 54 -13.88 -0.70 10.00
C LEU A 54 -13.79 -1.79 11.06
N GLY A 55 -14.96 -2.30 11.46
CA GLY A 55 -15.01 -3.45 12.35
C GLY A 55 -15.27 -4.74 11.56
N PRO A 56 -15.14 -5.92 12.20
CA PRO A 56 -15.28 -7.21 11.50
C PRO A 56 -16.55 -7.46 10.71
N LYS A 57 -17.66 -6.80 11.09
CA LYS A 57 -18.90 -7.01 10.37
C LYS A 57 -18.81 -6.56 8.92
N ASP A 58 -17.90 -5.63 8.61
CA ASP A 58 -17.74 -5.16 7.25
C ASP A 58 -16.56 -5.82 6.51
N LEU A 59 -15.99 -6.90 7.08
CA LEU A 59 -14.75 -7.47 6.55
C LEU A 59 -15.00 -8.93 6.14
N PHE A 60 -14.81 -9.23 4.85
CA PHE A 60 -15.05 -10.56 4.31
C PHE A 60 -13.74 -11.17 3.83
N PRO A 61 -13.27 -12.29 4.44
CA PRO A 61 -12.03 -12.92 3.99
C PRO A 61 -11.95 -13.13 2.48
N TYR A 62 -10.77 -12.78 1.89
CA TYR A 62 -10.65 -12.69 0.44
C TYR A 62 -10.85 -14.07 -0.21
N ASP A 63 -10.15 -15.09 0.31
CA ASP A 63 -10.18 -16.41 -0.32
C ASP A 63 -11.64 -16.87 -0.45
N LYS A 64 -12.36 -16.85 0.67
CA LYS A 64 -13.74 -17.32 0.69
C LYS A 64 -14.64 -16.49 -0.23
N SER A 65 -14.40 -15.18 -0.42
CA SER A 65 -15.41 -14.28 -0.98
C SER A 65 -15.12 -13.84 -2.43
N LYS A 66 -13.97 -14.23 -2.98
CA LYS A 66 -13.56 -13.58 -4.22
C LYS A 66 -14.40 -14.01 -5.41
N ASP A 67 -14.95 -15.24 -5.34
N ASP A 67 -14.93 -15.25 -5.36
CA ASP A 67 -15.84 -15.75 -6.38
CA ASP A 67 -15.85 -15.74 -6.38
C ASP A 67 -17.06 -14.85 -6.52
C ASP A 67 -16.99 -14.74 -6.52
N LYS A 68 -17.56 -14.33 -5.38
CA LYS A 68 -18.74 -13.50 -5.38
C LYS A 68 -18.35 -12.05 -5.70
N TYR A 69 -17.23 -11.58 -5.14
CA TYR A 69 -17.02 -10.14 -5.10
C TYR A 69 -15.91 -9.69 -6.04
N GLY A 70 -15.12 -10.64 -6.55
CA GLY A 70 -13.92 -10.31 -7.33
C GLY A 70 -14.17 -10.31 -8.84
N LYS A 71 -15.12 -9.48 -9.28
CA LYS A 71 -15.49 -9.32 -10.67
C LYS A 71 -15.38 -7.82 -10.98
N PRO A 72 -15.12 -7.40 -12.23
CA PRO A 72 -14.87 -5.98 -12.52
C PRO A 72 -16.00 -5.04 -12.15
N ASN A 73 -15.68 -3.76 -11.98
CA ASN A 73 -16.65 -2.79 -11.52
C ASN A 73 -16.30 -1.43 -12.13
N LYS A 74 -17.32 -0.63 -12.43
CA LYS A 74 -17.14 0.66 -13.07
C LYS A 74 -16.57 1.69 -12.09
N ARG A 75 -16.63 1.40 -10.79
CA ARG A 75 -16.29 2.42 -9.80
C ARG A 75 -14.80 2.77 -9.87
N LYS A 76 -14.47 4.03 -9.54
CA LYS A 76 -13.13 4.55 -9.75
C LYS A 76 -12.15 3.75 -8.91
N GLY A 77 -11.15 3.14 -9.55
CA GLY A 77 -10.06 2.50 -8.82
C GLY A 77 -10.27 1.01 -8.59
N PHE A 78 -11.49 0.53 -8.84
CA PHE A 78 -11.86 -0.82 -8.44
C PHE A 78 -11.03 -1.89 -9.18
N ASN A 79 -10.92 -1.76 -10.51
CA ASN A 79 -10.28 -2.82 -11.29
C ASN A 79 -8.76 -2.85 -11.04
N GLU A 80 -8.19 -1.65 -10.83
CA GLU A 80 -6.84 -1.52 -10.33
C GLU A 80 -6.70 -2.27 -9.01
N GLY A 81 -7.65 -2.03 -8.09
CA GLY A 81 -7.73 -2.75 -6.82
C GLY A 81 -7.69 -4.26 -6.99
N LEU A 82 -8.46 -4.79 -7.96
CA LEU A 82 -8.51 -6.22 -8.21
C LEU A 82 -7.13 -6.73 -8.60
N TRP A 83 -6.38 -5.91 -9.34
CA TRP A 83 -5.08 -6.35 -9.82
C TRP A 83 -4.13 -6.43 -8.63
N GLU A 84 -4.18 -5.41 -7.75
CA GLU A 84 -3.23 -5.31 -6.66
C GLU A 84 -3.42 -6.48 -5.68
N ILE A 85 -4.68 -6.80 -5.34
CA ILE A 85 -4.94 -7.80 -4.32
C ILE A 85 -4.50 -9.18 -4.83
N GLN A 86 -4.63 -9.38 -6.14
CA GLN A 86 -4.28 -10.66 -6.74
C GLN A 86 -2.78 -10.76 -6.99
N ASN A 87 -2.12 -9.64 -7.30
CA ASN A 87 -0.78 -9.70 -7.90
C ASN A 87 0.34 -9.22 -6.95
N ASN A 88 0.06 -8.22 -6.08
CA ASN A 88 1.07 -7.74 -5.15
C ASN A 88 0.35 -7.12 -3.95
N PRO A 89 -0.43 -7.92 -3.17
CA PRO A 89 -1.21 -7.41 -2.05
C PRO A 89 -0.41 -6.87 -0.87
N HIS A 90 0.87 -7.23 -0.74
CA HIS A 90 1.64 -6.82 0.42
C HIS A 90 2.68 -5.75 0.07
N ALA A 91 2.55 -5.13 -1.11
CA ALA A 91 3.49 -4.10 -1.55
C ALA A 91 3.22 -2.78 -0.84
N SER A 92 4.24 -1.93 -0.83
CA SER A 92 4.01 -0.55 -0.43
C SER A 92 3.29 0.21 -1.55
N TYR A 93 2.18 0.88 -1.22
CA TYR A 93 1.45 1.64 -2.23
C TYR A 93 1.54 3.14 -1.93
N SER A 94 2.40 3.52 -0.98
CA SER A 94 2.45 4.90 -0.50
C SER A 94 3.34 5.78 -1.40
N MET B 2 33.79 16.76 24.83
CA MET B 2 33.57 18.20 25.07
C MET B 2 32.09 18.42 25.40
N PRO B 3 31.73 18.83 26.65
CA PRO B 3 30.32 18.98 27.03
C PRO B 3 29.62 19.90 26.02
N HIS B 4 28.35 19.58 25.71
CA HIS B 4 27.53 20.44 24.87
C HIS B 4 26.29 20.91 25.62
N ALA B 5 25.49 21.74 24.94
CA ALA B 5 24.30 22.33 25.54
C ALA B 5 23.40 21.23 26.08
N PHE B 6 23.33 20.12 25.32
CA PHE B 6 22.63 18.89 25.62
C PHE B 6 23.67 17.78 25.87
N LYS B 7 23.46 17.04 26.96
CA LYS B 7 24.36 15.95 27.33
C LYS B 7 23.56 14.65 27.35
N PRO B 8 24.19 13.50 27.02
CA PRO B 8 23.55 12.18 27.13
C PRO B 8 22.76 12.00 28.41
N GLY B 9 21.48 11.61 28.26
CA GLY B 9 20.63 11.35 29.42
C GLY B 9 19.68 12.51 29.72
N ASP B 10 19.91 13.65 29.07
CA ASP B 10 18.98 14.77 29.16
C ASP B 10 17.63 14.33 28.56
N LEU B 11 16.54 14.67 29.23
CA LEU B 11 15.22 14.30 28.73
C LEU B 11 14.64 15.51 28.00
N VAL B 12 13.95 15.26 26.88
CA VAL B 12 13.36 16.31 26.04
C VAL B 12 12.01 15.89 25.51
N PHE B 13 11.28 16.84 24.90
CA PHE B 13 10.38 16.48 23.82
C PHE B 13 11.06 16.85 22.52
N ALA B 14 11.01 15.93 21.53
CA ALA B 14 11.63 16.11 20.24
C ALA B 14 10.53 16.24 19.18
N LYS B 15 10.71 17.20 18.28
CA LYS B 15 9.73 17.50 17.25
C LYS B 15 10.26 17.05 15.90
N MET B 16 9.46 16.22 15.20
CA MET B 16 9.69 15.92 13.80
C MET B 16 8.41 16.23 13.02
N LYS B 17 8.59 16.61 11.75
CA LYS B 17 7.46 16.92 10.89
C LYS B 17 6.50 15.74 10.85
N GLY B 18 5.20 16.02 10.98
CA GLY B 18 4.17 14.98 10.94
C GLY B 18 3.80 14.44 12.31
N TYR B 19 4.53 14.84 13.36
CA TYR B 19 4.32 14.23 14.67
C TYR B 19 4.23 15.29 15.76
N PRO B 20 3.50 15.02 16.86
CA PRO B 20 3.51 15.92 18.01
C PRO B 20 4.87 15.87 18.72
N HIS B 21 5.19 16.93 19.47
CA HIS B 21 6.35 16.93 20.34
C HIS B 21 6.39 15.64 21.14
N TRP B 22 7.51 14.90 21.05
CA TRP B 22 7.50 13.51 21.45
C TRP B 22 8.46 13.28 22.62
N PRO B 23 8.05 12.58 23.72
CA PRO B 23 8.96 12.33 24.85
C PRO B 23 10.18 11.54 24.39
N ALA B 24 11.38 12.04 24.73
CA ALA B 24 12.59 11.45 24.18
C ALA B 24 13.79 11.77 25.07
N ARG B 25 14.95 11.19 24.73
CA ARG B 25 16.19 11.42 25.45
C ARG B 25 17.34 11.60 24.46
N ILE B 26 18.37 12.32 24.89
CA ILE B 26 19.64 12.36 24.20
C ILE B 26 20.36 11.07 24.57
N ASP B 27 20.80 10.30 23.56
CA ASP B 27 21.62 9.10 23.73
C ASP B 27 23.11 9.42 23.59
N ASP B 28 23.97 8.41 23.85
CA ASP B 28 25.40 8.41 23.58
C ASP B 28 25.69 7.96 22.15
N ILE B 29 26.93 8.21 21.69
CA ILE B 29 27.40 7.74 20.39
C ILE B 29 28.50 6.69 20.60
N VAL B 34 28.03 5.24 13.19
CA VAL B 34 27.52 6.46 12.50
C VAL B 34 27.47 7.59 13.53
N LYS B 35 28.33 8.61 13.35
CA LYS B 35 28.30 9.78 14.22
C LYS B 35 27.22 10.75 13.74
N PRO B 36 26.56 11.52 14.65
CA PRO B 36 25.60 12.56 14.23
C PRO B 36 26.15 13.46 13.13
N PRO B 37 25.32 14.03 12.23
CA PRO B 37 25.78 15.11 11.37
C PRO B 37 26.15 16.27 12.30
N PRO B 38 26.97 17.26 11.86
CA PRO B 38 27.32 18.39 12.73
C PRO B 38 26.09 19.09 13.32
N ASN B 39 26.20 19.54 14.58
CA ASN B 39 25.16 20.34 15.24
C ASN B 39 23.97 19.51 15.73
N LYS B 40 23.91 18.21 15.41
CA LYS B 40 22.75 17.39 15.72
C LYS B 40 23.12 16.35 16.77
N TYR B 41 22.09 15.80 17.42
CA TYR B 41 22.26 14.84 18.50
C TYR B 41 21.51 13.55 18.20
N PRO B 42 21.98 12.40 18.73
CA PRO B 42 21.22 11.15 18.68
C PRO B 42 20.05 11.21 19.65
N ILE B 43 18.84 11.11 19.08
CA ILE B 43 17.61 11.10 19.87
C ILE B 43 17.08 9.68 19.95
N PHE B 44 16.63 9.28 21.14
CA PHE B 44 15.86 8.08 21.36
C PHE B 44 14.43 8.49 21.73
N PHE B 45 13.46 8.03 20.96
CA PHE B 45 12.04 8.29 21.20
C PHE B 45 11.45 7.21 22.10
N PHE B 46 10.94 7.64 23.26
CA PHE B 46 10.29 6.73 24.19
C PHE B 46 8.98 6.18 23.57
N GLY B 47 8.61 4.97 24.00
CA GLY B 47 7.38 4.35 23.54
C GLY B 47 7.62 3.60 22.24
N THR B 48 8.03 4.31 21.19
CA THR B 48 8.30 3.73 19.89
C THR B 48 9.68 3.10 19.87
N HIS B 49 10.60 3.68 20.64
CA HIS B 49 11.98 3.22 20.64
C HIS B 49 12.66 3.43 19.29
N GLU B 50 12.21 4.42 18.51
CA GLU B 50 12.84 4.77 17.26
C GLU B 50 14.00 5.71 17.58
N THR B 51 14.88 5.96 16.58
CA THR B 51 15.99 6.89 16.73
C THR B 51 15.97 7.88 15.57
N ALA B 52 16.51 9.08 15.79
CA ALA B 52 16.82 10.00 14.71
C ALA B 52 17.91 10.96 15.18
N PHE B 53 18.42 11.74 14.24
CA PHE B 53 19.31 12.84 14.57
C PHE B 53 18.52 14.15 14.43
N LEU B 54 18.57 14.99 15.47
CA LEU B 54 17.85 16.26 15.49
C LEU B 54 18.79 17.37 15.97
N GLY B 55 18.54 18.58 15.49
CA GLY B 55 19.23 19.78 15.95
C GLY B 55 18.50 20.39 17.14
N PRO B 56 19.15 21.28 17.93
CA PRO B 56 18.51 22.00 19.03
C PRO B 56 17.16 22.68 18.79
N LYS B 57 16.90 23.13 17.54
CA LYS B 57 15.68 23.85 17.23
C LYS B 57 14.46 22.96 17.48
N ASP B 58 14.70 21.64 17.40
CA ASP B 58 13.65 20.65 17.51
C ASP B 58 13.64 19.96 18.87
N LEU B 59 14.45 20.46 19.82
CA LEU B 59 14.65 19.79 21.11
C LEU B 59 14.20 20.70 22.25
N PHE B 60 13.23 20.21 23.04
CA PHE B 60 12.62 20.98 24.11
C PHE B 60 12.90 20.34 25.46
N PRO B 61 13.72 20.96 26.34
CA PRO B 61 13.97 20.40 27.68
C PRO B 61 12.72 19.94 28.42
N TYR B 62 12.73 18.71 28.96
CA TYR B 62 11.52 18.04 29.39
C TYR B 62 10.82 18.76 30.54
N ASP B 63 11.59 19.16 31.57
CA ASP B 63 11.02 19.77 32.76
C ASP B 63 10.20 21.00 32.41
N LYS B 64 10.84 21.93 31.74
CA LYS B 64 10.22 23.19 31.33
C LYS B 64 8.97 22.93 30.49
N SER B 65 9.01 21.90 29.62
CA SER B 65 8.00 21.82 28.57
C SER B 65 6.94 20.76 28.82
N LYS B 66 7.01 20.05 29.96
CA LYS B 66 6.19 18.85 30.15
C LYS B 66 4.69 19.17 30.33
N ASP B 67 4.33 20.32 30.88
CA ASP B 67 2.89 20.48 31.07
C ASP B 67 2.25 20.91 29.75
N LYS B 68 3.07 21.49 28.88
CA LYS B 68 2.62 21.91 27.56
C LYS B 68 2.51 20.70 26.63
N TYR B 69 3.54 19.84 26.56
CA TYR B 69 3.60 18.81 25.53
C TYR B 69 3.28 17.42 26.10
N GLY B 70 3.23 17.30 27.42
CA GLY B 70 3.19 15.97 28.02
C GLY B 70 1.76 15.44 28.22
N LYS B 71 0.90 15.60 27.22
CA LYS B 71 -0.49 15.16 27.35
C LYS B 71 -0.72 13.95 26.47
N PRO B 72 -1.48 12.93 26.92
CA PRO B 72 -1.83 11.80 26.06
C PRO B 72 -2.48 12.26 24.75
N ASN B 73 -2.25 11.45 23.69
CA ASN B 73 -2.94 11.57 22.42
C ASN B 73 -3.13 10.15 21.87
N LYS B 74 -3.48 10.06 20.59
CA LYS B 74 -3.84 8.80 19.96
C LYS B 74 -2.72 8.28 19.03
N ARG B 75 -1.52 8.88 19.05
CA ARG B 75 -0.46 8.37 18.18
C ARG B 75 0.12 7.10 18.83
N LYS B 76 0.42 6.08 18.00
CA LYS B 76 0.93 4.80 18.46
C LYS B 76 2.29 4.97 19.13
N GLY B 77 2.39 4.48 20.39
CA GLY B 77 3.62 4.53 21.15
C GLY B 77 3.74 5.77 22.06
N PHE B 78 2.84 6.75 21.90
CA PHE B 78 2.93 8.02 22.62
C PHE B 78 2.68 7.84 24.12
N ASN B 79 1.57 7.19 24.47
CA ASN B 79 1.21 7.11 25.88
C ASN B 79 2.23 6.21 26.60
N GLU B 80 2.79 5.23 25.87
CA GLU B 80 3.79 4.36 26.46
C GLU B 80 5.08 5.16 26.67
N GLY B 81 5.36 6.08 25.73
CA GLY B 81 6.52 6.97 25.82
C GLY B 81 6.41 7.88 27.04
N LEU B 82 5.19 8.38 27.29
CA LEU B 82 4.97 9.20 28.47
C LEU B 82 5.28 8.37 29.72
N TRP B 83 4.81 7.12 29.76
CA TRP B 83 5.08 6.24 30.89
C TRP B 83 6.58 6.08 31.12
N GLU B 84 7.35 5.88 30.04
CA GLU B 84 8.78 5.57 30.11
C GLU B 84 9.59 6.78 30.59
N ILE B 85 9.33 7.95 30.00
CA ILE B 85 10.07 9.15 30.38
C ILE B 85 9.82 9.48 31.85
N GLN B 86 8.63 9.13 32.35
CA GLN B 86 8.23 9.37 33.73
C GLN B 86 8.85 8.33 34.68
N ASN B 87 8.92 7.06 34.28
CA ASN B 87 9.13 6.02 35.29
C ASN B 87 10.48 5.33 35.15
N ASN B 88 11.07 5.33 33.95
CA ASN B 88 12.38 4.71 33.81
C ASN B 88 13.09 5.29 32.60
N PRO B 89 13.40 6.62 32.60
CA PRO B 89 13.90 7.28 31.38
C PRO B 89 15.25 6.75 30.95
N HIS B 90 15.98 6.11 31.89
CA HIS B 90 17.38 5.79 31.61
C HIS B 90 17.60 4.30 31.34
N ALA B 91 16.52 3.50 31.29
CA ALA B 91 16.61 2.06 31.04
C ALA B 91 17.17 1.75 29.66
N SER B 92 17.73 0.53 29.50
CA SER B 92 17.97 -0.03 28.17
C SER B 92 16.63 -0.48 27.60
N TYR B 93 16.37 -0.10 26.34
CA TYR B 93 15.16 -0.44 25.61
C TYR B 93 15.51 -1.36 24.44
N SER B 94 16.77 -1.80 24.45
CA SER B 94 17.26 -2.86 23.58
C SER B 94 16.34 -4.08 23.73
N HIS C 4 8.27 -15.58 -33.38
CA HIS C 4 7.46 -16.50 -32.53
C HIS C 4 6.47 -17.26 -33.41
N ALA C 5 5.23 -17.46 -32.92
CA ALA C 5 4.22 -18.30 -33.57
C ALA C 5 2.89 -18.19 -32.84
N PHE C 6 1.87 -17.63 -33.52
CA PHE C 6 0.64 -17.33 -32.83
C PHE C 6 -0.54 -17.99 -33.55
N LYS C 7 -1.33 -18.77 -32.79
CA LYS C 7 -2.54 -19.41 -33.32
C LYS C 7 -3.73 -18.81 -32.59
N PRO C 8 -4.99 -18.94 -33.07
CA PRO C 8 -6.14 -18.35 -32.37
C PRO C 8 -6.20 -18.77 -30.90
N GLY C 9 -6.65 -17.85 -30.05
CA GLY C 9 -6.88 -18.13 -28.64
C GLY C 9 -5.67 -17.83 -27.76
N ASP C 10 -4.48 -17.72 -28.37
CA ASP C 10 -3.25 -17.40 -27.66
C ASP C 10 -3.37 -16.04 -26.95
N LEU C 11 -2.70 -15.89 -25.79
CA LEU C 11 -2.78 -14.68 -24.99
C LEU C 11 -1.49 -13.85 -25.13
N VAL C 12 -1.66 -12.53 -25.40
CA VAL C 12 -0.51 -11.68 -25.68
C VAL C 12 -0.73 -10.30 -25.01
N PHE C 13 0.36 -9.49 -24.95
CA PHE C 13 0.28 -8.04 -24.96
C PHE C 13 0.50 -7.55 -26.39
N ALA C 14 -0.36 -6.61 -26.82
CA ALA C 14 -0.34 -6.12 -28.19
C ALA C 14 -0.05 -4.62 -28.18
N LYS C 15 0.97 -4.19 -28.96
CA LYS C 15 1.42 -2.79 -28.99
C LYS C 15 0.89 -2.10 -30.25
N MET C 16 0.08 -1.05 -30.06
CA MET C 16 -0.25 -0.11 -31.13
C MET C 16 0.36 1.26 -30.84
N LYS C 17 0.60 2.03 -31.90
CA LYS C 17 1.09 3.39 -31.76
C LYS C 17 0.05 4.19 -30.97
N GLY C 18 0.48 4.82 -29.88
CA GLY C 18 -0.48 5.66 -29.17
C GLY C 18 -1.05 4.99 -27.93
N TYR C 19 -0.64 3.73 -27.68
CA TYR C 19 -1.22 2.97 -26.58
C TYR C 19 -0.12 2.16 -25.89
N PRO C 20 -0.30 1.88 -24.58
CA PRO C 20 0.62 0.99 -23.86
C PRO C 20 0.45 -0.45 -24.36
N HIS C 21 1.42 -1.32 -24.05
CA HIS C 21 1.28 -2.72 -24.39
C HIS C 21 0.01 -3.23 -23.72
N TRP C 22 -0.90 -3.80 -24.51
CA TRP C 22 -2.28 -3.98 -24.06
C TRP C 22 -2.60 -5.47 -23.99
N PRO C 23 -3.24 -5.97 -22.90
CA PRO C 23 -3.61 -7.38 -22.82
C PRO C 23 -4.61 -7.76 -23.92
N ALA C 24 -4.31 -8.86 -24.64
CA ALA C 24 -5.10 -9.20 -25.82
C ALA C 24 -4.98 -10.70 -26.13
N ARG C 25 -5.74 -11.15 -27.14
CA ARG C 25 -5.60 -12.51 -27.66
C ARG C 25 -5.70 -12.50 -29.19
N ILE C 26 -5.15 -13.54 -29.83
CA ILE C 26 -5.34 -13.81 -31.24
C ILE C 26 -6.76 -14.33 -31.47
N ASP C 27 -7.46 -13.75 -32.45
CA ASP C 27 -8.74 -14.27 -32.91
C ASP C 27 -8.54 -15.22 -34.09
N ASP C 28 -9.57 -16.01 -34.41
CA ASP C 28 -9.69 -16.66 -35.70
C ASP C 28 -10.23 -15.63 -36.68
N ILE C 29 -10.08 -15.89 -38.00
CA ILE C 29 -10.59 -14.98 -39.02
C ILE C 29 -11.68 -15.73 -39.82
N LYS C 35 -10.23 -10.63 -44.95
CA LYS C 35 -8.91 -11.29 -44.77
C LYS C 35 -7.91 -10.25 -44.24
N PRO C 36 -6.97 -10.66 -43.35
CA PRO C 36 -6.01 -9.70 -42.79
C PRO C 36 -5.19 -9.05 -43.92
N PRO C 37 -4.59 -7.87 -43.70
CA PRO C 37 -3.47 -7.44 -44.53
C PRO C 37 -2.39 -8.53 -44.45
N PRO C 38 -1.52 -8.64 -45.49
CA PRO C 38 -0.41 -9.60 -45.47
C PRO C 38 0.36 -9.57 -44.15
N ASN C 39 0.55 -10.77 -43.58
CA ASN C 39 1.41 -11.02 -42.44
C ASN C 39 0.88 -10.37 -41.15
N LYS C 40 -0.44 -10.10 -41.10
CA LYS C 40 -1.08 -9.51 -39.92
C LYS C 40 -1.98 -10.53 -39.25
N TYR C 41 -2.07 -10.46 -37.92
CA TYR C 41 -2.97 -11.30 -37.12
C TYR C 41 -4.18 -10.50 -36.65
N PRO C 42 -5.36 -11.14 -36.50
CA PRO C 42 -6.54 -10.46 -35.96
C PRO C 42 -6.41 -10.50 -34.44
N ILE C 43 -6.46 -9.31 -33.84
CA ILE C 43 -6.27 -9.18 -32.40
C ILE C 43 -7.59 -8.72 -31.76
N PHE C 44 -7.93 -9.33 -30.61
CA PHE C 44 -8.99 -8.84 -29.75
C PHE C 44 -8.35 -8.29 -28.47
N PHE C 45 -8.74 -7.07 -28.10
CA PHE C 45 -8.17 -6.38 -26.96
C PHE C 45 -9.11 -6.60 -25.78
N PHE C 46 -8.55 -7.09 -24.66
CA PHE C 46 -9.36 -7.24 -23.46
C PHE C 46 -9.73 -5.86 -22.92
N GLY C 47 -10.81 -5.82 -22.13
CA GLY C 47 -11.18 -4.57 -21.50
C GLY C 47 -11.97 -3.70 -22.47
N THR C 48 -11.31 -3.21 -23.54
CA THR C 48 -12.02 -2.40 -24.52
C THR C 48 -12.89 -3.31 -25.39
N HIS C 49 -12.44 -4.54 -25.64
CA HIS C 49 -13.16 -5.53 -26.46
C HIS C 49 -13.19 -5.14 -27.94
N GLU C 50 -12.23 -4.34 -28.39
CA GLU C 50 -12.17 -3.94 -29.79
C GLU C 50 -11.20 -4.86 -30.53
N THR C 51 -11.09 -4.67 -31.85
CA THR C 51 -10.28 -5.56 -32.69
C THR C 51 -9.40 -4.69 -33.59
N ALA C 52 -8.34 -5.31 -34.11
CA ALA C 52 -7.38 -4.69 -35.01
C ALA C 52 -6.49 -5.78 -35.59
N PHE C 53 -5.79 -5.44 -36.69
CA PHE C 53 -4.81 -6.33 -37.27
C PHE C 53 -3.42 -5.83 -36.87
N LEU C 54 -2.58 -6.73 -36.33
CA LEU C 54 -1.23 -6.34 -35.98
C LEU C 54 -0.25 -7.40 -36.51
N GLY C 55 0.97 -6.94 -36.80
CA GLY C 55 2.06 -7.83 -37.17
C GLY C 55 2.76 -8.41 -35.94
N PRO C 56 3.54 -9.51 -36.11
CA PRO C 56 4.13 -10.25 -35.00
C PRO C 56 5.08 -9.48 -34.09
N LYS C 57 5.77 -8.48 -34.65
CA LYS C 57 6.71 -7.66 -33.89
C LYS C 57 5.97 -6.86 -32.83
N ASP C 58 4.65 -6.69 -33.02
CA ASP C 58 3.83 -5.88 -32.14
C ASP C 58 3.25 -6.73 -31.01
N LEU C 59 3.59 -8.03 -30.99
CA LEU C 59 2.88 -8.99 -30.16
C LEU C 59 3.86 -9.67 -29.21
N PHE C 60 3.42 -9.87 -27.96
CA PHE C 60 4.27 -10.40 -26.90
C PHE C 60 3.53 -11.52 -26.17
N PRO C 61 4.08 -12.76 -26.10
CA PRO C 61 3.37 -13.87 -25.45
C PRO C 61 3.14 -13.47 -24.00
N TYR C 62 1.93 -13.74 -23.50
CA TYR C 62 1.44 -13.23 -22.24
C TYR C 62 2.35 -13.67 -21.10
N ASP C 63 2.52 -14.99 -20.96
CA ASP C 63 3.27 -15.55 -19.86
C ASP C 63 4.70 -15.02 -19.81
N LYS C 64 5.31 -14.79 -20.98
CA LYS C 64 6.72 -14.41 -21.02
C LYS C 64 6.90 -12.94 -20.61
N SER C 65 5.87 -12.12 -20.84
CA SER C 65 6.06 -10.67 -20.70
C SER C 65 5.12 -10.03 -19.66
N LYS C 66 4.24 -10.82 -19.01
CA LYS C 66 3.33 -10.23 -18.02
C LYS C 66 4.09 -9.49 -16.91
N ASP C 67 5.29 -9.97 -16.54
CA ASP C 67 6.00 -9.33 -15.44
C ASP C 67 6.32 -7.87 -15.78
N LYS C 68 6.57 -7.59 -17.08
CA LYS C 68 6.92 -6.27 -17.57
C LYS C 68 5.67 -5.44 -17.94
N TYR C 69 4.68 -6.05 -18.62
CA TYR C 69 3.56 -5.27 -19.14
C TYR C 69 2.28 -5.44 -18.32
N GLY C 70 2.18 -6.54 -17.56
CA GLY C 70 0.94 -6.75 -16.80
C GLY C 70 0.99 -5.99 -15.48
N LYS C 71 0.73 -4.67 -15.56
CA LYS C 71 0.68 -3.78 -14.41
C LYS C 71 -0.36 -2.71 -14.72
N PRO C 72 -1.04 -2.12 -13.73
CA PRO C 72 -2.15 -1.22 -14.03
C PRO C 72 -1.72 0.04 -14.75
N ASN C 73 -2.65 0.58 -15.52
CA ASN C 73 -2.54 1.97 -15.92
C ASN C 73 -3.93 2.53 -16.14
N LYS C 74 -3.97 3.85 -16.31
CA LYS C 74 -5.17 4.65 -16.16
C LYS C 74 -5.97 4.64 -17.45
N ARG C 75 -5.38 4.12 -18.53
CA ARG C 75 -6.03 4.21 -19.84
C ARG C 75 -7.36 3.44 -19.81
N LYS C 76 -8.36 3.99 -20.51
CA LYS C 76 -9.72 3.48 -20.53
C LYS C 76 -9.69 1.99 -20.86
N GLY C 77 -10.24 1.17 -19.94
CA GLY C 77 -10.52 -0.23 -20.19
C GLY C 77 -9.32 -1.13 -19.88
N PHE C 78 -8.18 -0.55 -19.54
CA PHE C 78 -6.94 -1.30 -19.41
C PHE C 78 -7.03 -2.26 -18.21
N ASN C 79 -7.50 -1.74 -17.07
CA ASN C 79 -7.42 -2.50 -15.83
C ASN C 79 -8.47 -3.62 -15.86
N GLU C 80 -9.62 -3.33 -16.47
CA GLU C 80 -10.55 -4.41 -16.73
C GLU C 80 -9.91 -5.46 -17.66
N GLY C 81 -9.16 -5.00 -18.70
CA GLY C 81 -8.47 -5.93 -19.58
C GLY C 81 -7.48 -6.83 -18.83
N LEU C 82 -6.72 -6.26 -17.87
CA LEU C 82 -5.84 -7.07 -17.01
C LEU C 82 -6.65 -8.12 -16.26
N TRP C 83 -7.83 -7.77 -15.73
CA TRP C 83 -8.62 -8.77 -15.03
C TRP C 83 -9.00 -9.94 -15.95
N GLU C 84 -9.53 -9.62 -17.13
CA GLU C 84 -9.95 -10.63 -18.10
C GLU C 84 -8.81 -11.56 -18.53
N ILE C 85 -7.64 -11.00 -18.87
CA ILE C 85 -6.58 -11.85 -19.39
C ILE C 85 -6.13 -12.85 -18.32
N GLN C 86 -6.20 -12.46 -17.04
CA GLN C 86 -5.78 -13.34 -15.94
C GLN C 86 -6.89 -14.27 -15.51
N ASN C 87 -8.15 -13.84 -15.64
CA ASN C 87 -9.24 -14.49 -14.94
C ASN C 87 -10.19 -15.18 -15.92
N ASN C 88 -10.58 -14.48 -16.99
CA ASN C 88 -11.59 -15.02 -17.89
C ASN C 88 -11.15 -14.87 -19.35
N PRO C 89 -9.99 -15.44 -19.77
CA PRO C 89 -9.40 -15.13 -21.07
C PRO C 89 -10.02 -15.67 -22.37
N HIS C 90 -10.90 -16.68 -22.25
CA HIS C 90 -11.51 -17.31 -23.42
C HIS C 90 -13.04 -17.25 -23.35
N ALA C 91 -13.58 -16.21 -22.70
CA ALA C 91 -15.01 -15.92 -22.73
C ALA C 91 -15.35 -15.13 -23.99
N SER C 92 -16.67 -14.90 -24.19
CA SER C 92 -17.24 -14.34 -25.41
C SER C 92 -16.88 -12.86 -25.57
N TYR C 93 -17.52 -12.01 -24.78
CA TYR C 93 -17.45 -10.55 -24.88
C TYR C 93 -17.91 -10.12 -26.29
S SO4 D . -17.13 6.87 -9.48
O1 SO4 D . -16.27 8.03 -9.32
O2 SO4 D . -16.87 5.92 -8.42
O3 SO4 D . -18.50 7.29 -9.42
O4 SO4 D . -16.87 6.26 -10.75
S SO4 E . -25.38 0.08 -0.36
O1 SO4 E . -24.77 0.68 0.81
O2 SO4 E . -25.20 -1.35 -0.33
O3 SO4 E . -26.79 0.39 -0.38
O4 SO4 E . -24.77 0.62 -1.55
C1 EDO F . 0.79 1.86 2.01
O1 EDO F . 1.42 0.83 1.27
C2 EDO F . -0.47 1.58 2.75
O2 EDO F . -0.44 0.57 3.73
S SO4 G . -9.85 1.15 -12.41
O1 SO4 G . -8.68 1.46 -11.66
O2 SO4 G . -10.77 2.26 -12.30
O3 SO4 G . -9.51 0.93 -13.80
O4 SO4 G . -10.46 -0.02 -11.87
S SO4 H . 0.53 3.33 23.37
O1 SO4 H . 1.79 4.02 23.59
O2 SO4 H . -0.56 4.12 23.89
O3 SO4 H . 0.31 3.12 21.95
O4 SO4 H . 0.62 2.06 24.05
S SO4 I . 3.51 19.30 11.61
O1 SO4 I . 4.39 18.35 11.00
O2 SO4 I . 4.01 20.64 11.38
O3 SO4 I . 2.19 19.18 11.03
O4 SO4 I . 3.42 19.03 13.02
C4 A1A30 J . 9.97 7.97 12.73
C5 A1A30 J . 8.82 8.39 13.65
C6 A1A30 J . 9.55 8.00 11.28
O2 A1A30 J . 8.63 8.69 10.88
O3 A1A30 J . 10.25 7.22 10.51
C3 A1A30 J . 11.20 8.85 12.94
C2 A1A30 J . 11.62 8.88 14.42
C1 A1A30 J . 10.44 9.25 15.29
N A1A30 J . 9.32 8.33 15.04
S A1A30 J . 8.26 8.16 16.26
O A1A30 J . 9.01 7.86 17.43
O1 A1A30 J . 7.26 7.23 15.82
C A1A30 J . 7.49 9.72 16.47
C1 EDO K . -6.92 0.49 -26.94
O1 EDO K . -8.14 1.14 -26.62
C2 EDO K . -7.11 -0.92 -27.32
O2 EDO K . -8.45 -1.23 -27.57
S SO4 L . 5.60 4.97 -28.96
O1 SO4 L . 6.97 4.65 -28.63
O2 SO4 L . 4.89 5.34 -27.77
O3 SO4 L . 5.58 6.07 -29.89
O4 SO4 L . 4.98 3.83 -29.57
#